data_5ZHJ
#
_entry.id   5ZHJ
#
_cell.length_a   72.960
_cell.length_b   50.761
_cell.length_c   53.309
_cell.angle_alpha   90.00
_cell.angle_beta   95.10
_cell.angle_gamma   90.00
#
_symmetry.space_group_name_H-M   'C 1 2 1'
#
loop_
_entity.id
_entity.type
_entity.pdbx_description
1 polymer 'tRNA (guanine-N(1)-)-methyltransferase'
2 non-polymer S-ADENOSYL-L-HOMOCYSTEINE
3 non-polymer GLYCEROL
4 water water
#
_entity_poly.entity_id   1
_entity_poly.type   'polypeptide(L)'
_entity_poly.pdbx_seq_one_letter_code
;MRIDIVTIFPACLDPLRQSLPGKAIESGLVDLNVHDLRRWTHDVHHSVDDAPYGGGPGMVMKAPVWGEALDEICSSETLL
IVPTPAGVLFTQATAQRWTTESHLVFACGRYEGIDQRVVQDAARRMRVEEVSIGDYVLPGGESAAVVMVEAVLRLLAGVL
GNPASHQDDSHSTGLDGLLEGPSYTRPASWRGLDVPEVLLSGDHARIAAWRREVSLQRTRERRPDLSHPDGSHHHHHH
;
_entity_poly.pdbx_strand_id   A
#
loop_
_chem_comp.id
_chem_comp.type
_chem_comp.name
_chem_comp.formula
GOL non-polymer GLYCEROL 'C3 H8 O3'
#
# COMPACT_ATOMS: atom_id res chain seq x y z
N MET A 1 -9.94 6.49 -10.90
CA MET A 1 -9.98 5.53 -9.80
C MET A 1 -10.58 6.20 -8.57
N ARG A 2 -11.32 5.45 -7.76
CA ARG A 2 -11.86 5.92 -6.49
C ARG A 2 -11.18 5.12 -5.39
N ILE A 3 -10.64 5.80 -4.34
CA ILE A 3 -9.97 5.11 -3.22
C ILE A 3 -10.63 5.53 -1.94
N ASP A 4 -11.05 4.55 -1.09
CA ASP A 4 -11.61 4.86 0.23
C ASP A 4 -10.71 4.15 1.27
N ILE A 5 -10.30 4.88 2.32
CA ILE A 5 -9.44 4.32 3.36
C ILE A 5 -10.20 4.50 4.66
N VAL A 6 -10.43 3.40 5.38
CA VAL A 6 -11.19 3.37 6.64
C VAL A 6 -10.22 3.06 7.77
N THR A 7 -10.23 3.91 8.80
CA THR A 7 -9.23 3.87 9.86
C THR A 7 -9.71 4.58 11.11
N ILE A 8 -9.09 4.27 12.27
CA ILE A 8 -9.32 5.06 13.47
C ILE A 8 -8.23 6.17 13.59
N PHE A 9 -7.26 6.23 12.63
CA PHE A 9 -6.22 7.28 12.59
C PHE A 9 -6.21 8.01 11.23
N PRO A 10 -7.27 8.80 10.89
CA PRO A 10 -7.27 9.47 9.58
C PRO A 10 -6.02 10.30 9.29
N ALA A 11 -5.46 11.00 10.30
CA ALA A 11 -4.27 11.84 10.14
C ALA A 11 -3.08 11.08 9.54
N CYS A 12 -3.03 9.75 9.77
CA CYS A 12 -1.92 8.93 9.26
C CYS A 12 -1.93 8.74 7.76
N LEU A 13 -3.01 9.16 7.10
CA LEU A 13 -3.08 9.06 5.64
C LEU A 13 -2.77 10.43 5.05
N ASP A 14 -2.43 11.42 5.89
CA ASP A 14 -2.08 12.76 5.34
C ASP A 14 -0.97 12.74 4.26
N PRO A 15 0.06 11.84 4.26
CA PRO A 15 1.03 11.85 3.13
C PRO A 15 0.41 11.69 1.74
N LEU A 16 -0.80 11.08 1.66
CA LEU A 16 -1.48 10.89 0.37
C LEU A 16 -2.06 12.20 -0.21
N ARG A 17 -2.02 13.28 0.58
CA ARG A 17 -2.41 14.63 0.16
C ARG A 17 -1.18 15.41 -0.33
N GLN A 18 0.02 14.79 -0.29
CA GLN A 18 1.26 15.44 -0.67
C GLN A 18 1.81 14.86 -1.93
N SER A 19 2.80 15.55 -2.52
CA SER A 19 3.60 15.08 -3.65
C SER A 19 2.78 14.44 -4.77
N LEU A 20 3.26 13.32 -5.35
CA LEU A 20 2.62 12.57 -6.44
C LEU A 20 1.15 12.21 -6.15
N PRO A 21 0.81 11.55 -5.00
CA PRO A 21 -0.61 11.23 -4.77
C PRO A 21 -1.50 12.47 -4.69
N GLY A 22 -1.05 13.52 -4.01
CA GLY A 22 -1.81 14.77 -3.92
C GLY A 22 -2.02 15.38 -5.31
N LYS A 23 -1.00 15.31 -6.17
CA LYS A 23 -1.10 15.80 -7.57
C LYS A 23 -2.10 14.96 -8.38
N ALA A 24 -2.09 13.63 -8.16
CA ALA A 24 -3.01 12.73 -8.85
C ALA A 24 -4.45 13.05 -8.44
N ILE A 25 -4.66 13.44 -7.17
CA ILE A 25 -5.99 13.79 -6.67
C ILE A 25 -6.49 15.07 -7.31
N GLU A 26 -5.76 16.19 -7.13
CA GLU A 26 -6.21 17.50 -7.61
C GLU A 26 -6.40 17.57 -9.13
N SER A 27 -5.67 16.74 -9.88
CA SER A 27 -5.79 16.63 -11.33
C SER A 27 -6.99 15.73 -11.75
N GLY A 28 -7.76 15.24 -10.78
CA GLY A 28 -8.92 14.40 -11.05
C GLY A 28 -8.67 12.98 -11.51
N LEU A 29 -7.43 12.47 -11.37
CA LEU A 29 -7.12 11.08 -11.74
C LEU A 29 -7.70 10.13 -10.69
N VAL A 30 -7.75 10.59 -9.43
CA VAL A 30 -8.23 9.77 -8.31
C VAL A 30 -9.08 10.55 -7.37
N ASP A 31 -10.16 9.93 -6.90
CA ASP A 31 -11.01 10.47 -5.85
C ASP A 31 -10.59 9.74 -4.59
N LEU A 32 -9.92 10.43 -3.64
CA LEU A 32 -9.48 9.77 -2.40
C LEU A 32 -10.29 10.24 -1.25
N ASN A 33 -10.78 9.31 -0.41
CA ASN A 33 -11.57 9.65 0.77
C ASN A 33 -11.04 8.86 1.94
N VAL A 34 -10.84 9.53 3.06
CA VAL A 34 -10.35 8.90 4.27
C VAL A 34 -11.48 9.02 5.27
N HIS A 35 -11.89 7.86 5.86
CA HIS A 35 -13.05 7.78 6.76
C HIS A 35 -12.65 7.35 8.15
N ASP A 36 -13.12 8.07 9.18
CA ASP A 36 -12.90 7.64 10.56
C ASP A 36 -13.93 6.55 10.89
N LEU A 37 -13.47 5.32 11.21
CA LEU A 37 -14.33 4.19 11.53
C LEU A 37 -15.27 4.49 12.70
N ARG A 38 -14.85 5.36 13.66
CA ARG A 38 -15.70 5.65 14.82
C ARG A 38 -17.04 6.25 14.46
N ARG A 39 -17.17 6.80 13.24
CA ARG A 39 -18.43 7.40 12.81
C ARG A 39 -19.53 6.33 12.62
N TRP A 40 -19.12 5.03 12.56
CA TRP A 40 -20.07 3.92 12.42
C TRP A 40 -20.30 3.23 13.77
N THR A 41 -19.91 3.88 14.87
CA THR A 41 -20.15 3.34 16.21
C THR A 41 -21.37 4.06 16.83
N HIS A 42 -22.03 3.39 17.76
CA HIS A 42 -23.28 3.91 18.35
C HIS A 42 -23.27 3.89 19.86
N ASP A 43 -22.31 3.16 20.48
CA ASP A 43 -22.24 3.08 21.93
C ASP A 43 -21.74 4.40 22.52
N VAL A 44 -22.00 4.60 23.82
CA VAL A 44 -21.60 5.78 24.58
C VAL A 44 -20.09 6.13 24.38
N HIS A 45 -19.24 5.11 24.34
CA HIS A 45 -17.78 5.28 24.22
C HIS A 45 -17.25 5.21 22.77
N HIS A 46 -18.14 5.05 21.77
CA HIS A 46 -17.73 4.99 20.35
C HIS A 46 -16.56 4.02 20.15
N SER A 47 -16.74 2.79 20.65
CA SER A 47 -15.67 1.82 20.65
C SER A 47 -15.72 0.91 19.43
N VAL A 48 -14.54 0.65 18.89
CA VAL A 48 -14.38 -0.16 17.67
C VAL A 48 -13.79 -1.52 18.05
N ASP A 49 -13.45 -1.73 19.32
CA ASP A 49 -12.76 -2.94 19.72
C ASP A 49 -13.38 -3.66 20.90
N ASP A 50 -13.03 -4.95 21.04
CA ASP A 50 -13.50 -5.78 22.14
C ASP A 50 -12.49 -6.90 22.39
N ALA A 51 -12.62 -7.63 23.51
CA ALA A 51 -11.71 -8.70 23.91
C ALA A 51 -11.75 -9.89 22.95
N PRO A 52 -10.59 -10.51 22.66
CA PRO A 52 -10.59 -11.63 21.72
C PRO A 52 -11.16 -12.89 22.34
N TYR A 53 -11.87 -13.68 21.52
CA TYR A 53 -12.33 -14.99 21.96
C TYR A 53 -11.10 -15.86 21.95
N GLY A 54 -11.00 -16.71 22.97
CA GLY A 54 -9.90 -17.64 23.13
C GLY A 54 -8.69 -17.02 23.80
N GLY A 55 -8.81 -15.76 24.17
CA GLY A 55 -7.73 -15.01 24.78
C GLY A 55 -6.69 -14.59 23.75
N GLY A 56 -5.64 -14.01 24.27
CA GLY A 56 -4.54 -13.46 23.49
C GLY A 56 -4.26 -12.07 24.03
N PRO A 57 -3.23 -11.38 23.57
CA PRO A 57 -3.01 -10.02 24.09
C PRO A 57 -3.92 -9.04 23.34
N GLY A 58 -3.94 -7.80 23.78
CA GLY A 58 -4.70 -6.74 23.14
C GLY A 58 -6.18 -6.95 22.88
N MET A 59 -6.70 -6.26 21.86
CA MET A 59 -8.10 -6.23 21.49
C MET A 59 -8.31 -6.55 20.01
N VAL A 60 -9.56 -6.81 19.62
CA VAL A 60 -9.91 -7.15 18.24
C VAL A 60 -10.90 -6.11 17.73
N MET A 61 -10.76 -5.66 16.47
CA MET A 61 -11.71 -4.69 15.94
C MET A 61 -13.02 -5.43 15.64
N LYS A 62 -14.14 -4.92 16.16
CA LYS A 62 -15.48 -5.52 16.06
C LYS A 62 -15.98 -5.65 14.66
N ALA A 63 -16.54 -6.82 14.34
CA ALA A 63 -17.12 -7.07 13.02
C ALA A 63 -18.36 -6.20 12.80
N PRO A 64 -19.27 -5.99 13.76
CA PRO A 64 -20.48 -5.18 13.43
C PRO A 64 -20.19 -3.77 12.98
N VAL A 65 -19.14 -3.13 13.55
CA VAL A 65 -18.77 -1.77 13.21
C VAL A 65 -18.17 -1.75 11.80
N TRP A 66 -17.25 -2.67 11.52
CA TRP A 66 -16.68 -2.76 10.17
C TRP A 66 -17.72 -3.08 9.12
N GLY A 67 -18.59 -4.04 9.41
CA GLY A 67 -19.66 -4.44 8.50
C GLY A 67 -20.57 -3.29 8.11
N GLU A 68 -20.93 -2.42 9.07
CA GLU A 68 -21.76 -1.26 8.81
C GLU A 68 -21.00 -0.22 7.92
N ALA A 69 -19.69 0.00 8.17
CA ALA A 69 -18.85 0.89 7.34
C ALA A 69 -18.72 0.38 5.92
N LEU A 70 -18.38 -0.90 5.78
CA LEU A 70 -18.21 -1.49 4.46
C LEU A 70 -19.51 -1.62 3.69
N ASP A 71 -20.62 -1.86 4.40
CA ASP A 71 -21.93 -1.91 3.71
C ASP A 71 -22.17 -0.54 3.05
N GLU A 72 -21.78 0.56 3.71
CA GLU A 72 -22.03 1.88 3.15
C GLU A 72 -21.07 2.23 2.00
N ILE A 73 -19.78 1.95 2.19
CA ILE A 73 -18.73 2.40 1.29
C ILE A 73 -18.56 1.50 0.05
N CYS A 74 -18.64 0.19 0.24
CA CYS A 74 -18.39 -0.78 -0.82
C CYS A 74 -19.56 -1.10 -1.69
N SER A 75 -19.25 -1.50 -2.93
CA SER A 75 -20.18 -2.03 -3.91
C SER A 75 -19.67 -3.39 -4.34
N SER A 76 -20.39 -4.04 -5.27
CA SER A 76 -19.96 -5.34 -5.83
C SER A 76 -18.74 -5.18 -6.74
N GLU A 77 -18.41 -3.96 -7.19
CA GLU A 77 -17.24 -3.76 -8.06
C GLU A 77 -15.99 -3.41 -7.24
N THR A 78 -16.15 -3.17 -5.94
CA THR A 78 -15.02 -2.81 -5.08
C THR A 78 -14.04 -3.94 -4.90
N LEU A 79 -12.76 -3.57 -4.82
CA LEU A 79 -11.71 -4.49 -4.42
C LEU A 79 -11.32 -4.03 -3.01
N LEU A 80 -11.71 -4.83 -2.02
CA LEU A 80 -11.47 -4.56 -0.61
C LEU A 80 -10.11 -5.10 -0.27
N ILE A 81 -9.22 -4.24 0.23
N ILE A 81 -9.23 -4.23 0.25
CA ILE A 81 -7.84 -4.61 0.61
CA ILE A 81 -7.84 -4.56 0.64
C ILE A 81 -7.73 -4.49 2.12
C ILE A 81 -7.74 -4.49 2.14
N VAL A 82 -7.32 -5.60 2.76
CA VAL A 82 -7.18 -5.67 4.19
C VAL A 82 -5.71 -5.88 4.44
N PRO A 83 -4.98 -4.82 4.86
CA PRO A 83 -3.56 -5.01 5.19
C PRO A 83 -3.44 -5.97 6.39
N THR A 84 -2.51 -6.93 6.30
CA THR A 84 -2.26 -7.87 7.39
C THR A 84 -0.93 -8.54 7.16
N PRO A 85 -0.15 -8.79 8.20
CA PRO A 85 1.15 -9.46 7.95
C PRO A 85 0.96 -10.91 7.53
N ALA A 86 -0.29 -11.43 7.61
CA ALA A 86 -0.66 -12.81 7.24
C ALA A 86 -1.21 -12.90 5.81
N GLY A 87 -1.16 -11.78 5.09
CA GLY A 87 -1.70 -11.81 3.74
C GLY A 87 -0.68 -12.17 2.69
N VAL A 88 -1.11 -12.23 1.42
N VAL A 88 -1.12 -12.20 1.42
CA VAL A 88 -0.17 -12.45 0.31
CA VAL A 88 -0.25 -12.40 0.24
C VAL A 88 0.71 -11.19 0.21
C VAL A 88 0.68 -11.16 0.14
N LEU A 89 1.96 -11.34 -0.26
CA LEU A 89 2.88 -10.22 -0.38
C LEU A 89 2.50 -9.26 -1.48
N PHE A 90 2.51 -7.95 -1.16
CA PHE A 90 2.28 -6.92 -2.17
C PHE A 90 3.56 -6.77 -2.97
N THR A 91 3.46 -6.78 -4.32
CA THR A 91 4.62 -6.60 -5.16
C THR A 91 4.30 -5.60 -6.25
N GLN A 92 5.30 -5.24 -7.06
CA GLN A 92 5.08 -4.36 -8.20
C GLN A 92 4.03 -4.98 -9.16
N ALA A 93 3.94 -6.34 -9.24
CA ALA A 93 2.88 -6.94 -10.08
C ALA A 93 1.50 -6.59 -9.51
N THR A 94 1.33 -6.66 -8.18
CA THR A 94 0.06 -6.29 -7.52
C THR A 94 -0.27 -4.83 -7.80
N ALA A 95 0.73 -3.92 -7.65
CA ALA A 95 0.52 -2.48 -7.90
C ALA A 95 0.02 -2.23 -9.33
N GLN A 96 0.64 -2.90 -10.31
CA GLN A 96 0.26 -2.82 -11.74
C GLN A 96 -1.20 -3.35 -11.89
N ARG A 97 -1.51 -4.51 -11.29
N ARG A 97 -1.53 -4.50 -11.26
CA ARG A 97 -2.85 -5.12 -11.34
CA ARG A 97 -2.91 -5.02 -11.37
C ARG A 97 -3.92 -4.14 -10.78
C ARG A 97 -3.94 -4.07 -10.80
N TRP A 98 -3.62 -3.45 -9.65
CA TRP A 98 -4.58 -2.54 -9.01
C TRP A 98 -4.87 -1.27 -9.81
N THR A 99 -3.99 -0.90 -10.77
CA THR A 99 -4.27 0.23 -11.66
C THR A 99 -5.47 -0.03 -12.56
N THR A 100 -5.85 -1.30 -12.76
CA THR A 100 -7.03 -1.66 -13.58
C THR A 100 -8.34 -1.63 -12.76
N GLU A 101 -8.24 -1.35 -11.45
CA GLU A 101 -9.41 -1.29 -10.57
C GLU A 101 -10.10 0.08 -10.57
N SER A 102 -11.44 0.07 -10.47
N SER A 102 -11.43 0.08 -10.48
CA SER A 102 -12.19 1.33 -10.43
CA SER A 102 -12.15 1.36 -10.44
C SER A 102 -12.36 1.82 -8.99
C SER A 102 -12.34 1.84 -8.98
N HIS A 103 -12.41 0.90 -8.02
CA HIS A 103 -12.65 1.24 -6.63
C HIS A 103 -11.84 0.38 -5.71
N LEU A 104 -10.87 0.98 -5.01
CA LEU A 104 -10.12 0.26 -3.97
C LEU A 104 -10.61 0.76 -2.63
N VAL A 105 -10.85 -0.14 -1.67
CA VAL A 105 -11.19 0.25 -0.30
C VAL A 105 -10.12 -0.39 0.57
N PHE A 106 -9.47 0.39 1.48
CA PHE A 106 -8.48 -0.16 2.40
C PHE A 106 -9.05 -0.16 3.81
N ALA A 107 -9.17 -1.35 4.41
CA ALA A 107 -9.71 -1.49 5.76
C ALA A 107 -8.52 -1.57 6.70
N CYS A 108 -8.10 -0.41 7.29
CA CYS A 108 -6.89 -0.40 8.15
C CYS A 108 -7.14 -0.93 9.53
N GLY A 109 -6.41 -1.98 9.87
CA GLY A 109 -6.53 -2.60 11.18
C GLY A 109 -5.67 -1.92 12.21
N ARG A 110 -6.08 -2.02 13.48
CA ARG A 110 -5.31 -1.60 14.64
C ARG A 110 -5.46 -2.74 15.64
N TYR A 111 -4.80 -2.62 16.80
CA TYR A 111 -4.84 -3.64 17.88
C TYR A 111 -4.35 -4.98 17.29
N GLU A 112 -5.06 -6.09 17.58
CA GLU A 112 -4.70 -7.41 17.03
C GLU A 112 -5.25 -7.62 15.61
N GLY A 113 -6.00 -6.66 15.12
CA GLY A 113 -6.56 -6.74 13.77
C GLY A 113 -8.06 -6.73 13.79
N ILE A 114 -8.66 -7.09 12.65
CA ILE A 114 -10.08 -7.04 12.40
C ILE A 114 -10.69 -8.43 12.55
N ASP A 115 -11.86 -8.57 13.24
CA ASP A 115 -12.54 -9.86 13.38
C ASP A 115 -12.57 -10.51 11.97
N GLN A 116 -12.07 -11.76 11.84
CA GLN A 116 -11.98 -12.47 10.55
C GLN A 116 -13.28 -12.51 9.73
N ARG A 117 -14.44 -12.52 10.41
CA ARG A 117 -15.73 -12.60 9.70
C ARG A 117 -16.04 -11.39 8.84
N VAL A 118 -15.34 -10.28 9.06
CA VAL A 118 -15.54 -9.07 8.20
C VAL A 118 -15.15 -9.42 6.76
N VAL A 119 -13.97 -10.05 6.59
CA VAL A 119 -13.46 -10.46 5.29
C VAL A 119 -14.42 -11.49 4.68
N GLN A 120 -14.82 -12.51 5.47
CA GLN A 120 -15.70 -13.56 4.94
C GLN A 120 -17.05 -13.02 4.53
N ASP A 121 -17.60 -12.08 5.31
CA ASP A 121 -18.87 -11.47 4.98
C ASP A 121 -18.74 -10.56 3.74
N ALA A 122 -17.66 -9.76 3.66
CA ALA A 122 -17.42 -8.89 2.50
C ALA A 122 -17.33 -9.70 1.21
N ALA A 123 -16.64 -10.84 1.29
CA ALA A 123 -16.40 -11.76 0.17
C ALA A 123 -17.70 -12.29 -0.46
N ARG A 124 -18.85 -12.16 0.26
CA ARG A 124 -20.16 -12.58 -0.24
C ARG A 124 -20.63 -11.63 -1.31
N ARG A 125 -20.17 -10.36 -1.24
CA ARG A 125 -20.58 -9.27 -2.13
C ARG A 125 -19.51 -8.77 -3.09
N MET A 126 -18.24 -8.78 -2.67
CA MET A 126 -17.20 -8.15 -3.45
C MET A 126 -15.94 -9.01 -3.40
N ARG A 127 -14.88 -8.56 -4.04
CA ARG A 127 -13.59 -9.23 -4.06
C ARG A 127 -12.77 -8.67 -2.94
N VAL A 128 -12.07 -9.56 -2.19
CA VAL A 128 -11.31 -9.17 -1.01
C VAL A 128 -9.92 -9.75 -1.13
N GLU A 129 -8.92 -9.00 -0.68
CA GLU A 129 -7.54 -9.48 -0.63
C GLU A 129 -6.93 -9.05 0.69
N GLU A 130 -6.32 -10.00 1.42
CA GLU A 130 -5.56 -9.80 2.65
C GLU A 130 -4.14 -9.70 2.15
N VAL A 131 -3.46 -8.57 2.41
CA VAL A 131 -2.18 -8.29 1.80
C VAL A 131 -1.16 -7.78 2.81
N SER A 132 0.07 -8.27 2.70
CA SER A 132 1.21 -7.82 3.52
C SER A 132 2.12 -7.01 2.66
N ILE A 133 2.70 -5.91 3.21
CA ILE A 133 3.64 -5.15 2.40
C ILE A 133 5.10 -5.67 2.67
N GLY A 134 5.23 -6.58 3.61
CA GLY A 134 6.52 -7.18 3.92
C GLY A 134 6.54 -7.95 5.23
N ASP A 135 7.65 -8.65 5.49
CA ASP A 135 7.78 -9.52 6.66
C ASP A 135 8.24 -8.77 7.92
N TYR A 136 7.40 -7.86 8.36
CA TYR A 136 7.62 -7.04 9.56
C TYR A 136 6.28 -6.70 10.13
N VAL A 137 6.21 -6.34 11.41
CA VAL A 137 4.93 -6.07 12.06
C VAL A 137 4.80 -4.60 12.34
N LEU A 138 3.75 -4.00 11.78
CA LEU A 138 3.49 -2.60 12.00
C LEU A 138 2.44 -2.45 13.08
N PRO A 139 2.35 -1.27 13.71
CA PRO A 139 1.30 -1.06 14.73
C PRO A 139 -0.10 -0.96 14.13
N GLY A 140 -0.18 -0.62 12.85
CA GLY A 140 -1.46 -0.44 12.18
C GLY A 140 -1.34 -0.53 10.68
N GLY A 141 -2.48 -0.61 10.00
CA GLY A 141 -2.50 -0.76 8.56
C GLY A 141 -2.35 0.52 7.79
N GLU A 142 -2.32 1.68 8.49
CA GLU A 142 -2.27 2.96 7.74
C GLU A 142 -1.01 3.15 6.95
N SER A 143 0.20 2.94 7.56
CA SER A 143 1.45 3.14 6.81
C SER A 143 1.53 2.18 5.61
N ALA A 144 0.91 0.99 5.75
CA ALA A 144 0.84 -0.03 4.66
C ALA A 144 -0.05 0.45 3.51
N ALA A 145 -1.21 1.06 3.84
CA ALA A 145 -2.10 1.63 2.85
C ALA A 145 -1.40 2.79 2.13
N VAL A 146 -0.61 3.63 2.84
CA VAL A 146 0.13 4.72 2.16
C VAL A 146 1.08 4.10 1.12
N VAL A 147 1.83 3.08 1.53
CA VAL A 147 2.77 2.40 0.64
C VAL A 147 2.06 1.85 -0.60
N MET A 148 0.95 1.16 -0.40
CA MET A 148 0.20 0.56 -1.51
C MET A 148 -0.39 1.58 -2.43
N VAL A 149 -0.99 2.64 -1.89
CA VAL A 149 -1.57 3.70 -2.72
C VAL A 149 -0.51 4.44 -3.52
N GLU A 150 0.63 4.76 -2.88
CA GLU A 150 1.68 5.44 -3.60
C GLU A 150 2.22 4.59 -4.74
N ALA A 151 2.42 3.29 -4.50
CA ALA A 151 2.91 2.40 -5.57
C ALA A 151 1.93 2.34 -6.78
N VAL A 152 0.60 2.27 -6.49
CA VAL A 152 -0.46 2.24 -7.52
C VAL A 152 -0.57 3.58 -8.23
N LEU A 153 -0.64 4.69 -7.48
CA LEU A 153 -0.78 6.02 -8.07
C LEU A 153 0.41 6.45 -8.90
N ARG A 154 1.64 6.05 -8.50
CA ARG A 154 2.83 6.30 -9.30
C ARG A 154 2.61 5.71 -10.72
N LEU A 155 2.13 4.47 -10.79
CA LEU A 155 1.89 3.80 -12.06
C LEU A 155 0.76 4.44 -12.84
N LEU A 156 -0.32 4.81 -12.16
CA LEU A 156 -1.51 5.42 -12.75
C LEU A 156 -1.19 6.77 -13.38
N ALA A 157 -0.37 7.57 -12.69
CA ALA A 157 0.03 8.88 -13.15
C ALA A 157 0.96 8.79 -14.36
N GLY A 158 1.86 7.80 -14.34
CA GLY A 158 2.81 7.55 -15.42
C GLY A 158 2.14 7.04 -16.68
N VAL A 159 0.98 6.36 -16.53
CA VAL A 159 0.21 5.81 -17.64
C VAL A 159 -0.75 6.86 -18.22
N LEU A 160 -1.54 7.52 -17.37
CA LEU A 160 -2.57 8.46 -17.82
C LEU A 160 -2.10 9.92 -17.96
N GLY A 181 21.42 0.22 -12.57
CA GLY A 181 21.98 0.16 -11.22
C GLY A 181 22.19 1.51 -10.55
N PRO A 182 23.44 1.80 -10.08
CA PRO A 182 23.69 3.07 -9.36
C PRO A 182 23.55 4.32 -10.21
N SER A 183 23.16 5.43 -9.58
CA SER A 183 22.96 6.72 -10.25
C SER A 183 24.02 7.71 -9.84
N TYR A 184 24.42 8.55 -10.80
CA TYR A 184 25.42 9.56 -10.60
C TYR A 184 25.02 10.81 -11.30
N THR A 185 25.40 11.94 -10.70
CA THR A 185 25.25 13.24 -11.30
C THR A 185 26.51 14.06 -11.01
N ARG A 186 26.56 15.29 -11.54
CA ARG A 186 27.68 16.22 -11.36
C ARG A 186 28.00 16.43 -9.85
N PRO A 187 29.28 16.63 -9.46
CA PRO A 187 30.49 16.70 -10.31
C PRO A 187 31.05 15.34 -10.68
N ALA A 188 31.92 15.31 -11.72
CA ALA A 188 32.56 14.08 -12.18
C ALA A 188 33.44 13.45 -11.10
N SER A 189 33.98 14.28 -10.20
CA SER A 189 34.82 13.83 -9.10
C SER A 189 34.39 14.56 -7.84
N TRP A 190 34.09 13.82 -6.78
CA TRP A 190 33.60 14.42 -5.54
C TRP A 190 34.20 13.69 -4.36
N ARG A 191 34.89 14.44 -3.46
CA ARG A 191 35.52 13.84 -2.27
C ARG A 191 36.42 12.65 -2.61
N GLY A 192 37.15 12.76 -3.74
CA GLY A 192 38.02 11.67 -4.21
C GLY A 192 37.31 10.51 -4.87
N LEU A 193 36.00 10.61 -5.09
CA LEU A 193 35.22 9.54 -5.73
C LEU A 193 34.77 9.97 -7.12
N ASP A 194 35.19 9.20 -8.12
CA ASP A 194 34.93 9.53 -9.51
C ASP A 194 33.79 8.76 -10.04
N VAL A 195 33.05 9.37 -10.93
CA VAL A 195 31.96 8.72 -11.66
C VAL A 195 32.62 7.66 -12.56
N PRO A 196 32.07 6.41 -12.63
CA PRO A 196 32.69 5.38 -13.52
C PRO A 196 32.85 5.91 -14.93
N GLU A 197 34.03 5.63 -15.53
CA GLU A 197 34.35 6.10 -16.88
C GLU A 197 33.25 5.78 -17.89
N VAL A 198 32.66 4.57 -17.77
CA VAL A 198 31.58 4.14 -18.69
C VAL A 198 30.44 5.15 -18.77
N LEU A 199 30.04 5.75 -17.63
CA LEU A 199 28.96 6.73 -17.67
C LEU A 199 29.35 8.06 -18.27
N LEU A 200 30.66 8.38 -18.29
CA LEU A 200 31.16 9.63 -18.86
C LEU A 200 31.40 9.48 -20.37
N SER A 201 31.37 8.23 -20.88
CA SER A 201 31.70 7.87 -22.27
C SER A 201 30.65 8.23 -23.32
N GLY A 202 29.38 8.35 -22.92
CA GLY A 202 28.29 8.64 -23.84
C GLY A 202 27.96 7.51 -24.80
N ASP A 203 28.47 6.30 -24.52
CA ASP A 203 28.24 5.10 -25.31
C ASP A 203 27.13 4.29 -24.67
N HIS A 204 25.89 4.51 -25.13
CA HIS A 204 24.66 3.86 -24.66
C HIS A 204 24.78 2.34 -24.55
N ALA A 205 25.39 1.68 -25.56
CA ALA A 205 25.55 0.23 -25.55
C ALA A 205 26.40 -0.21 -24.35
N ARG A 206 27.58 0.42 -24.15
CA ARG A 206 28.49 0.12 -23.05
C ARG A 206 27.86 0.44 -21.69
N ILE A 207 27.12 1.54 -21.61
CA ILE A 207 26.42 1.99 -20.41
C ILE A 207 25.36 0.95 -20.02
N ALA A 208 24.48 0.56 -20.98
CA ALA A 208 23.43 -0.43 -20.73
C ALA A 208 23.98 -1.78 -20.22
N ALA A 209 25.09 -2.27 -20.83
CA ALA A 209 25.80 -3.51 -20.48
C ALA A 209 26.32 -3.45 -19.06
N TRP A 210 27.04 -2.35 -18.72
CA TRP A 210 27.60 -2.11 -17.40
C TRP A 210 26.51 -2.06 -16.34
N ARG A 211 25.44 -1.24 -16.56
CA ARG A 211 24.29 -1.13 -15.65
C ARG A 211 23.69 -2.51 -15.39
N ARG A 212 23.51 -3.33 -16.45
CA ARG A 212 22.95 -4.68 -16.30
C ARG A 212 23.87 -5.57 -15.45
N GLU A 213 25.17 -5.50 -15.71
CA GLU A 213 26.22 -6.25 -15.02
C GLU A 213 26.32 -5.89 -13.52
N VAL A 214 26.31 -4.58 -13.17
N VAL A 214 26.33 -4.58 -13.15
CA VAL A 214 26.41 -4.15 -11.77
CA VAL A 214 26.40 -4.17 -11.74
C VAL A 214 25.12 -4.51 -11.01
C VAL A 214 25.12 -4.57 -11.03
N SER A 215 23.96 -4.35 -11.67
CA SER A 215 22.65 -4.71 -11.12
C SER A 215 22.58 -6.23 -10.86
N LEU A 216 23.06 -7.07 -11.79
CA LEU A 216 23.11 -8.53 -11.62
C LEU A 216 23.98 -8.91 -10.41
N GLN A 217 25.18 -8.29 -10.30
CA GLN A 217 26.11 -8.55 -9.21
C GLN A 217 25.47 -8.16 -7.86
N ARG A 218 24.89 -6.93 -7.78
CA ARG A 218 24.20 -6.44 -6.59
C ARG A 218 23.05 -7.39 -6.24
N THR A 219 22.31 -7.87 -7.25
CA THR A 219 21.22 -8.83 -7.02
C THR A 219 21.74 -10.13 -6.41
N ARG A 220 22.82 -10.70 -6.97
CA ARG A 220 23.42 -11.93 -6.46
C ARG A 220 23.82 -11.80 -4.99
N GLU A 221 24.41 -10.63 -4.60
CA GLU A 221 24.88 -10.36 -3.25
C GLU A 221 23.81 -10.12 -2.21
N ARG A 222 22.78 -9.35 -2.58
CA ARG A 222 21.73 -8.87 -1.68
C ARG A 222 20.43 -9.61 -1.81
N ARG A 223 20.10 -10.07 -2.99
CA ARG A 223 18.80 -10.67 -3.25
C ARG A 223 18.90 -11.96 -4.06
N PRO A 224 19.59 -13.02 -3.57
CA PRO A 224 19.63 -14.27 -4.35
C PRO A 224 18.23 -14.87 -4.56
N ASP A 225 17.25 -14.55 -3.66
CA ASP A 225 15.83 -14.95 -3.79
C ASP A 225 15.22 -14.47 -5.12
N LEU A 226 15.88 -13.47 -5.76
CA LEU A 226 15.53 -12.89 -7.05
C LEU A 226 16.44 -13.44 -8.15
N SAH B . -2.57 -10.34 14.52
CA SAH B . -2.52 -9.54 13.29
CB SAH B . -1.37 -8.54 13.33
CG SAH B . -1.80 -7.26 14.03
SD SAH B . -0.81 -5.79 13.59
C SAH B . -2.41 -10.43 12.04
O SAH B . -1.71 -11.48 12.12
OXT SAH B . -3.02 -10.04 11.01
C5' SAH B . -2.18 -4.57 13.44
C4' SAH B . -2.47 -4.14 11.99
O4' SAH B . -1.29 -3.65 11.43
C3' SAH B . -2.85 -5.29 11.08
O3' SAH B . -4.25 -5.57 11.26
C2' SAH B . -2.58 -4.69 9.70
O2' SAH B . -3.68 -3.77 9.27
C1' SAH B . -1.30 -3.90 9.99
N9 SAH B . -0.01 -4.56 9.59
C8 SAH B . 0.99 -4.92 10.42
N7 SAH B . 2.00 -5.41 9.68
C5 SAH B . 1.65 -5.33 8.39
C6 SAH B . 2.29 -5.69 7.26
N6 SAH B . 3.50 -6.28 7.39
N1 SAH B . 1.74 -5.54 6.06
C2 SAH B . 0.46 -4.99 5.95
N3 SAH B . -0.19 -4.65 7.16
C4 SAH B . 0.41 -4.84 8.34
C1 GOL C . -11.48 12.49 8.42
O1 GOL C . -10.69 13.11 9.42
C2 GOL C . -12.60 11.68 9.02
O2 GOL C . -13.08 12.33 10.21
C3 GOL C . -13.75 11.50 8.05
O3 GOL C . -14.60 10.44 8.48
#